data_3NDF
#
_entry.id   3NDF
#
_cell.length_a   37.450
_cell.length_b   83.270
_cell.length_c   61.090
_cell.angle_alpha   90.00
_cell.angle_beta   99.66
_cell.angle_gamma   90.00
#
_symmetry.space_group_name_H-M   'P 1 21 1'
#
loop_
_entity.id
_entity.type
_entity.pdbx_description
1 polymer Alpha-1-antitrypsin
2 polymer Alpha-1-antitrypsin
3 water water
#
loop_
_entity_poly.entity_id
_entity_poly.type
_entity_poly.pdbx_seq_one_letter_code
_entity_poly.pdbx_strand_id
1 'polypeptide(L)'
;GSHMLETFNKITPNLAEFAFSLYRQLAHQSNSTNIFFSPVSIATAFAMLSLGTKADTHDEILEGLNFNLTEIPEAQIHEG
FQELLRTLNQPDSQLQLTTGNGLFLSEGLKLVDKFLEDVKKLYHSEAFTVNFGDTEEAKKQINDYVEKGTQGKIVDLVKE
LDRDTVFALVNYIFFKGKWERPFEVKDTEEEDFHVDQVTTVKVPMMKRLGMFNIQHAKKLSSWVLLMKYLGNATAIFFLP
DEGKLQHLENELTHDIITKFLENEDRRSASLHLPKLSITGTYDLKSVLGQLGITKVFSNGADLSGVTEEAPLKLSKAVHK
AVLTIDEKGTEAAGADDDEAIPR
;
A
2 'polypeptide(L)' SIPPEVKFNKPFVFLMIEQNTKSPLFMGKVVNPTQK B
#
# COMPACT_ATOMS: atom_id res chain seq x y z
N PHE A 8 -12.31 2.02 -14.27
CA PHE A 8 -12.25 1.69 -12.81
C PHE A 8 -12.50 0.20 -12.58
N ASN A 9 -11.47 -0.51 -12.12
CA ASN A 9 -11.58 -1.93 -11.83
C ASN A 9 -12.74 -2.22 -10.88
N LYS A 10 -13.53 -3.24 -11.21
CA LYS A 10 -14.67 -3.64 -10.40
C LYS A 10 -14.35 -3.71 -8.90
N ILE A 11 -13.13 -4.09 -8.58
CA ILE A 11 -12.73 -4.30 -7.18
C ILE A 11 -12.02 -3.08 -6.59
N THR A 12 -11.98 -1.99 -7.34
CA THR A 12 -11.35 -0.76 -6.87
C THR A 12 -12.00 -0.19 -5.60
N PRO A 13 -13.33 0.03 -5.65
CA PRO A 13 -14.00 0.60 -4.48
C PRO A 13 -13.63 -0.14 -3.20
N ASN A 14 -13.58 -1.46 -3.25
CA ASN A 14 -13.24 -2.25 -2.07
C ASN A 14 -11.81 -1.99 -1.62
N LEU A 15 -10.88 -2.04 -2.57
CA LEU A 15 -9.48 -1.75 -2.29
C LEU A 15 -9.33 -0.38 -1.61
N ALA A 16 -10.13 0.58 -2.04
CA ALA A 16 -10.09 1.91 -1.45
C ALA A 16 -10.62 1.90 -0.03
N GLU A 17 -11.69 1.14 0.21
CA GLU A 17 -12.28 1.03 1.54
C GLU A 17 -11.39 0.24 2.50
N PHE A 18 -10.59 -0.67 1.93
CA PHE A 18 -9.60 -1.38 2.73
C PHE A 18 -8.50 -0.41 3.14
N ALA A 19 -8.09 0.43 2.19
CA ALA A 19 -7.05 1.43 2.45
C ALA A 19 -7.42 2.33 3.64
N PHE A 20 -8.65 2.83 3.65
CA PHE A 20 -9.07 3.73 4.72
C PHE A 20 -9.28 2.97 6.02
N SER A 21 -9.88 1.79 5.92
CA SER A 21 -10.04 0.93 7.09
C SER A 21 -8.68 0.65 7.72
N LEU A 22 -7.74 0.21 6.90
CA LEU A 22 -6.40 -0.13 7.39
C LEU A 22 -5.69 1.11 7.91
N TYR A 23 -5.75 2.20 7.15
CA TYR A 23 -5.11 3.44 7.55
C TYR A 23 -5.55 3.88 8.94
N ARG A 24 -6.86 3.79 9.20
CA ARG A 24 -7.41 4.25 10.47
C ARG A 24 -6.92 3.41 11.64
N GLN A 25 -6.81 2.10 11.43
CA GLN A 25 -6.26 1.22 12.45
C GLN A 25 -4.82 1.61 12.75
N LEU A 26 -4.05 1.87 11.70
CA LEU A 26 -2.65 2.26 11.85
C LEU A 26 -2.47 3.60 12.56
N ALA A 27 -3.32 4.57 12.23
CA ALA A 27 -3.24 5.90 12.82
C ALA A 27 -3.71 5.89 14.28
N HIS A 28 -4.50 4.87 14.64
CA HIS A 28 -4.95 4.71 16.01
C HIS A 28 -3.92 3.93 16.83
N GLN A 29 -3.17 3.06 16.15
CA GLN A 29 -2.10 2.28 16.80
C GLN A 29 -0.97 3.21 17.24
N SER A 30 -0.54 4.08 16.35
CA SER A 30 0.44 5.12 16.68
C SER A 30 -0.13 6.46 16.26
N ASN A 31 -0.32 7.35 17.23
CA ASN A 31 -1.08 8.58 17.00
C ASN A 31 -0.34 9.69 16.27
N SER A 32 0.93 9.90 16.61
CA SER A 32 1.66 11.06 16.13
C SER A 32 2.93 10.71 15.36
N THR A 33 2.83 9.79 14.40
CA THR A 33 3.99 9.39 13.62
C THR A 33 3.66 9.30 12.13
N ASN A 34 4.69 9.37 11.30
CA ASN A 34 4.52 9.25 9.85
C ASN A 34 4.02 7.86 9.46
N ILE A 35 3.06 7.81 8.54
CA ILE A 35 2.54 6.56 8.05
C ILE A 35 2.73 6.43 6.55
N PHE A 36 2.98 5.21 6.09
CA PHE A 36 3.09 4.93 4.66
C PHE A 36 3.07 3.43 4.40
N PHE A 37 2.17 3.01 3.52
CA PHE A 37 2.03 1.59 3.17
C PHE A 37 1.37 1.48 1.81
N SER A 38 1.28 0.24 1.29
CA SER A 38 0.62 0.02 0.01
C SER A 38 -0.61 -0.87 0.17
N PRO A 39 -1.79 -0.26 0.17
CA PRO A 39 -3.04 -1.00 0.32
C PRO A 39 -3.15 -2.12 -0.72
N VAL A 40 -2.92 -1.77 -1.98
CA VAL A 40 -3.04 -2.75 -3.05
C VAL A 40 -2.14 -3.97 -2.82
N SER A 41 -0.89 -3.71 -2.42
CA SER A 41 0.06 -4.79 -2.17
C SER A 41 -0.45 -5.74 -1.09
N ILE A 42 -0.85 -5.17 0.04
CA ILE A 42 -1.37 -5.94 1.16
C ILE A 42 -2.63 -6.70 0.76
N ALA A 43 -3.51 -6.05 0.01
CA ALA A 43 -4.75 -6.67 -0.42
C ALA A 43 -4.48 -7.82 -1.36
N THR A 44 -3.47 -7.66 -2.20
CA THR A 44 -3.13 -8.67 -3.19
C THR A 44 -2.59 -9.94 -2.53
N ALA A 45 -1.70 -9.76 -1.55
CA ALA A 45 -1.11 -10.90 -0.86
C ALA A 45 -2.16 -11.70 -0.10
N PHE A 46 -3.11 -11.01 0.51
CA PHE A 46 -4.10 -11.68 1.34
C PHE A 46 -5.26 -12.29 0.55
N ALA A 47 -5.65 -11.63 -0.53
CA ALA A 47 -6.65 -12.20 -1.43
C ALA A 47 -6.07 -13.47 -2.05
N MET A 48 -4.81 -13.43 -2.41
CA MET A 48 -4.12 -14.61 -2.91
C MET A 48 -4.16 -15.72 -1.85
N LEU A 49 -3.82 -15.35 -0.62
CA LEU A 49 -3.79 -16.32 0.47
C LEU A 49 -5.12 -17.03 0.69
N SER A 50 -6.21 -16.27 0.69
CA SER A 50 -7.52 -16.84 0.96
C SER A 50 -7.78 -18.08 0.12
N LEU A 51 -7.36 -18.04 -1.15
CA LEU A 51 -7.52 -19.17 -2.06
C LEU A 51 -7.27 -20.51 -1.40
N GLY A 52 -6.27 -20.56 -0.53
CA GLY A 52 -5.91 -21.80 0.14
C GLY A 52 -6.55 -21.97 1.50
N THR A 53 -7.45 -21.07 1.86
CA THR A 53 -8.16 -21.18 3.13
C THR A 53 -9.59 -21.62 2.90
N LYS A 54 -10.28 -21.95 4.00
CA LYS A 54 -11.67 -22.39 3.91
C LYS A 54 -12.50 -21.89 5.10
N ALA A 55 -13.81 -22.01 4.98
CA ALA A 55 -14.72 -21.66 6.07
C ALA A 55 -14.57 -20.21 6.52
N ASP A 56 -14.70 -19.97 7.82
CA ASP A 56 -14.67 -18.61 8.34
C ASP A 56 -13.26 -18.03 8.36
N THR A 57 -12.25 -18.89 8.27
CA THR A 57 -10.88 -18.42 8.10
C THR A 57 -10.82 -17.66 6.77
N HIS A 58 -11.39 -18.28 5.75
CA HIS A 58 -11.40 -17.70 4.41
C HIS A 58 -12.28 -16.47 4.31
N ASP A 59 -13.42 -16.48 5.01
CA ASP A 59 -14.37 -15.38 4.93
C ASP A 59 -13.92 -14.13 5.67
N GLU A 60 -13.20 -14.32 6.77
CA GLU A 60 -12.69 -13.18 7.54
C GLU A 60 -11.70 -12.38 6.71
N ILE A 61 -10.95 -13.08 5.87
CA ILE A 61 -9.97 -12.43 5.01
C ILE A 61 -10.67 -11.59 3.94
N LEU A 62 -11.63 -12.19 3.24
CA LEU A 62 -12.35 -11.45 2.20
C LEU A 62 -13.16 -10.31 2.78
N GLU A 63 -13.83 -10.55 3.91
CA GLU A 63 -14.58 -9.49 4.57
C GLU A 63 -13.64 -8.47 5.19
N GLY A 64 -12.47 -8.92 5.62
CA GLY A 64 -11.47 -8.05 6.21
C GLY A 64 -10.90 -7.10 5.17
N LEU A 65 -10.96 -7.53 3.91
CA LEU A 65 -10.47 -6.71 2.81
C LEU A 65 -11.60 -5.87 2.23
N ASN A 66 -12.69 -5.74 2.99
CA ASN A 66 -13.83 -4.93 2.58
C ASN A 66 -14.62 -5.50 1.40
N PHE A 67 -14.46 -6.80 1.16
CA PHE A 67 -15.20 -7.46 0.10
C PHE A 67 -16.54 -7.98 0.62
N ASN A 68 -17.53 -8.02 -0.26
CA ASN A 68 -18.87 -8.44 0.10
C ASN A 68 -19.44 -9.42 -0.94
N LEU A 69 -19.56 -10.69 -0.55
CA LEU A 69 -19.92 -11.76 -1.48
C LEU A 69 -21.29 -11.59 -2.13
N THR A 70 -22.16 -10.79 -1.51
CA THR A 70 -23.47 -10.52 -2.11
C THR A 70 -23.37 -9.46 -3.20
N GLU A 71 -22.27 -8.70 -3.16
CA GLU A 71 -22.04 -7.65 -4.14
C GLU A 71 -21.20 -8.14 -5.32
N ILE A 72 -20.30 -9.08 -5.05
CA ILE A 72 -19.44 -9.64 -6.08
C ILE A 72 -19.08 -11.09 -5.79
N PRO A 73 -19.38 -12.00 -6.73
CA PRO A 73 -19.06 -13.42 -6.57
C PRO A 73 -17.55 -13.65 -6.44
N GLU A 74 -17.17 -14.64 -5.63
CA GLU A 74 -15.76 -14.89 -5.35
C GLU A 74 -14.92 -15.04 -6.61
N ALA A 75 -15.43 -15.81 -7.58
CA ALA A 75 -14.70 -16.02 -8.83
C ALA A 75 -14.30 -14.70 -9.47
N GLN A 76 -15.21 -13.72 -9.44
CA GLN A 76 -14.94 -12.43 -10.05
C GLN A 76 -13.96 -11.60 -9.20
N ILE A 77 -13.97 -11.82 -7.90
CA ILE A 77 -13.03 -11.10 -7.05
C ILE A 77 -11.59 -11.37 -7.50
N HIS A 78 -11.20 -12.63 -7.47
CA HIS A 78 -9.86 -13.01 -7.92
C HIS A 78 -9.64 -12.54 -9.35
N GLU A 79 -10.67 -12.71 -10.19
CA GLU A 79 -10.61 -12.24 -11.57
C GLU A 79 -10.38 -10.74 -11.64
N GLY A 80 -10.86 -10.02 -10.63
CA GLY A 80 -10.58 -8.59 -10.52
C GLY A 80 -9.11 -8.34 -10.27
N PHE A 81 -8.53 -9.09 -9.33
CA PHE A 81 -7.11 -8.95 -9.04
C PHE A 81 -6.28 -9.34 -10.26
N GLN A 82 -6.70 -10.42 -10.93
CA GLN A 82 -5.98 -10.89 -12.11
C GLN A 82 -5.80 -9.78 -13.13
N GLU A 83 -6.88 -9.06 -13.42
CA GLU A 83 -6.80 -7.95 -14.36
C GLU A 83 -6.05 -6.77 -13.75
N LEU A 84 -6.21 -6.58 -12.46
CA LEU A 84 -5.58 -5.48 -11.74
C LEU A 84 -4.06 -5.56 -11.82
N LEU A 85 -3.52 -6.73 -11.51
CA LEU A 85 -2.09 -6.95 -11.59
C LEU A 85 -1.61 -6.81 -13.03
N ARG A 86 -2.41 -7.33 -13.96
CA ARG A 86 -2.11 -7.24 -15.38
C ARG A 86 -2.02 -5.78 -15.83
N THR A 87 -3.03 -4.99 -15.45
CA THR A 87 -3.06 -3.57 -15.80
C THR A 87 -1.88 -2.82 -15.17
N LEU A 88 -1.70 -3.02 -13.86
CA LEU A 88 -0.61 -2.37 -13.15
C LEU A 88 0.72 -2.59 -13.84
N ASN A 89 0.93 -3.82 -14.34
CA ASN A 89 2.18 -4.17 -15.02
C ASN A 89 2.20 -3.72 -16.48
N GLN A 90 1.22 -2.91 -16.88
CA GLN A 90 1.18 -2.38 -18.24
C GLN A 90 1.00 -0.87 -18.23
N PRO A 91 1.98 -0.14 -17.68
CA PRO A 91 1.94 1.31 -17.54
C PRO A 91 2.20 2.03 -18.86
N ASP A 92 1.92 3.34 -18.87
CA ASP A 92 2.25 4.19 -20.00
C ASP A 92 3.77 4.35 -20.10
N SER A 93 4.27 4.47 -21.32
CA SER A 93 5.71 4.54 -21.56
C SER A 93 6.45 5.44 -20.57
N GLN A 94 5.80 6.53 -20.15
CA GLN A 94 6.46 7.53 -19.32
C GLN A 94 6.46 7.19 -17.82
N LEU A 95 5.63 6.23 -17.43
CA LEU A 95 5.54 5.81 -16.04
C LEU A 95 6.22 4.46 -15.84
N GLN A 96 6.81 4.28 -14.67
CA GLN A 96 7.43 3.01 -14.32
C GLN A 96 6.69 2.38 -13.14
N LEU A 97 6.14 1.20 -13.34
CA LEU A 97 5.32 0.54 -12.32
C LEU A 97 5.29 -0.97 -12.50
N THR A 98 5.71 -1.70 -11.47
CA THR A 98 5.71 -3.15 -11.52
C THR A 98 5.23 -3.73 -10.20
N THR A 99 4.57 -4.88 -10.28
CA THR A 99 4.14 -5.60 -9.09
C THR A 99 4.31 -7.09 -9.33
N GLY A 100 4.81 -7.80 -8.33
CA GLY A 100 5.08 -9.23 -8.48
C GLY A 100 4.82 -10.03 -7.22
N ASN A 101 4.60 -11.33 -7.40
CA ASN A 101 4.31 -12.22 -6.28
C ASN A 101 5.16 -13.48 -6.32
N GLY A 102 5.89 -13.74 -5.24
CA GLY A 102 6.71 -14.93 -5.12
C GLY A 102 6.27 -15.78 -3.95
N LEU A 103 6.03 -17.06 -4.20
CA LEU A 103 5.60 -17.99 -3.16
C LEU A 103 6.73 -18.92 -2.77
N PHE A 104 7.31 -18.69 -1.60
CA PHE A 104 8.44 -19.48 -1.13
C PHE A 104 8.00 -20.69 -0.33
N LEU A 105 8.17 -21.86 -0.91
CA LEU A 105 7.68 -23.11 -0.32
C LEU A 105 8.83 -23.99 0.16
N SER A 106 8.73 -24.47 1.40
CA SER A 106 9.78 -25.32 1.96
C SER A 106 9.95 -26.62 1.19
N GLU A 107 11.08 -27.28 1.42
CA GLU A 107 11.40 -28.53 0.73
C GLU A 107 10.65 -29.73 1.33
N GLY A 108 9.84 -30.38 0.50
CA GLY A 108 9.11 -31.56 0.93
C GLY A 108 7.65 -31.26 1.25
N LEU A 109 7.29 -29.99 1.24
CA LEU A 109 5.91 -29.59 1.51
C LEU A 109 5.01 -30.09 0.39
N LYS A 110 3.99 -30.86 0.75
CA LYS A 110 3.07 -31.40 -0.25
C LYS A 110 1.91 -30.45 -0.51
N LEU A 111 2.11 -29.53 -1.45
CA LEU A 111 1.09 -28.55 -1.80
C LEU A 111 -0.12 -29.17 -2.47
N VAL A 112 -1.25 -28.45 -2.44
CA VAL A 112 -2.46 -28.88 -3.11
C VAL A 112 -2.43 -28.37 -4.55
N ASP A 113 -2.50 -29.28 -5.51
CA ASP A 113 -2.36 -28.91 -6.92
C ASP A 113 -3.17 -27.67 -7.28
N LYS A 114 -4.44 -27.65 -6.89
CA LYS A 114 -5.32 -26.54 -7.25
C LYS A 114 -4.74 -25.19 -6.81
N PHE A 115 -4.41 -25.09 -5.52
CA PHE A 115 -3.86 -23.87 -4.97
C PHE A 115 -2.71 -23.33 -5.82
N LEU A 116 -1.74 -24.19 -6.09
CA LEU A 116 -0.57 -23.83 -6.89
C LEU A 116 -0.98 -23.23 -8.24
N GLU A 117 -1.96 -23.85 -8.89
CA GLU A 117 -2.41 -23.41 -10.21
C GLU A 117 -3.23 -22.13 -10.14
N ASP A 118 -4.05 -22.01 -9.09
CA ASP A 118 -4.84 -20.81 -8.87
C ASP A 118 -3.96 -19.58 -8.64
N VAL A 119 -2.94 -19.71 -7.79
CA VAL A 119 -2.06 -18.59 -7.50
C VAL A 119 -1.20 -18.22 -8.72
N LYS A 120 -0.85 -19.21 -9.52
CA LYS A 120 -0.07 -18.96 -10.73
C LYS A 120 -0.90 -18.20 -11.78
N LYS A 121 -2.14 -18.65 -11.98
CA LYS A 121 -3.01 -18.07 -13.01
C LYS A 121 -3.56 -16.71 -12.61
N LEU A 122 -4.12 -16.64 -11.40
CA LEU A 122 -4.85 -15.45 -10.96
C LEU A 122 -3.97 -14.38 -10.32
N TYR A 123 -2.78 -14.76 -9.82
CA TYR A 123 -1.91 -13.81 -9.15
C TYR A 123 -0.48 -13.80 -9.68
N HIS A 124 -0.30 -14.35 -10.87
CA HIS A 124 1.00 -14.38 -11.53
C HIS A 124 2.11 -14.68 -10.55
N SER A 125 1.80 -15.55 -9.58
CA SER A 125 2.73 -15.92 -8.53
C SER A 125 3.86 -16.81 -9.06
N GLU A 126 5.08 -16.55 -8.60
CA GLU A 126 6.23 -17.39 -8.92
C GLU A 126 6.51 -18.32 -7.75
N ALA A 127 6.53 -19.62 -8.00
CA ALA A 127 6.84 -20.59 -6.95
C ALA A 127 8.35 -20.80 -6.84
N PHE A 128 8.86 -20.71 -5.61
CA PHE A 128 10.27 -21.02 -5.35
C PHE A 128 10.37 -22.06 -4.25
N THR A 129 11.44 -22.86 -4.28
CA THR A 129 11.67 -23.84 -3.24
C THR A 129 12.91 -23.46 -2.44
N VAL A 130 12.74 -23.35 -1.13
CA VAL A 130 13.83 -22.98 -0.24
C VAL A 130 13.80 -23.79 1.05
N ASN A 131 14.97 -23.95 1.66
CA ASN A 131 15.09 -24.68 2.91
C ASN A 131 15.17 -23.70 4.07
N PHE A 132 14.07 -23.59 4.82
CA PHE A 132 14.02 -22.65 5.93
C PHE A 132 14.90 -23.08 7.10
N GLY A 133 15.45 -24.30 7.00
CA GLY A 133 16.41 -24.78 7.98
C GLY A 133 17.75 -24.08 7.82
N ASP A 134 18.07 -23.72 6.58
CA ASP A 134 19.25 -22.93 6.29
C ASP A 134 18.87 -21.45 6.32
N THR A 135 18.61 -20.94 7.51
CA THR A 135 18.07 -19.59 7.69
C THR A 135 18.71 -18.55 6.78
N GLU A 136 20.03 -18.39 6.89
CA GLU A 136 20.73 -17.39 6.08
C GLU A 136 20.35 -17.52 4.60
N GLU A 137 20.46 -18.73 4.07
CA GLU A 137 20.14 -18.98 2.68
C GLU A 137 18.70 -18.58 2.37
N ALA A 138 17.78 -18.98 3.23
CA ALA A 138 16.37 -18.65 3.07
C ALA A 138 16.15 -17.14 2.99
N LYS A 139 16.73 -16.42 3.94
CA LYS A 139 16.69 -14.95 3.93
C LYS A 139 17.29 -14.41 2.64
N LYS A 140 18.55 -14.75 2.39
CA LYS A 140 19.25 -14.26 1.20
C LYS A 140 18.35 -14.29 -0.04
N GLN A 141 17.60 -15.37 -0.20
CA GLN A 141 16.76 -15.53 -1.38
C GLN A 141 15.54 -14.60 -1.39
N ILE A 142 14.86 -14.49 -0.26
CA ILE A 142 13.66 -13.64 -0.18
C ILE A 142 13.98 -12.16 -0.33
N ASN A 143 14.98 -11.68 0.42
CA ASN A 143 15.39 -10.28 0.35
C ASN A 143 15.89 -9.88 -1.03
N ASP A 144 16.54 -10.81 -1.73
CA ASP A 144 17.05 -10.55 -3.06
C ASP A 144 15.92 -10.42 -4.07
N TYR A 145 14.97 -11.34 -4.00
CA TYR A 145 13.78 -11.28 -4.83
C TYR A 145 13.05 -9.97 -4.61
N VAL A 146 12.97 -9.54 -3.36
CA VAL A 146 12.33 -8.29 -3.00
C VAL A 146 13.13 -7.10 -3.49
N GLU A 147 14.45 -7.16 -3.32
CA GLU A 147 15.33 -6.07 -3.73
C GLU A 147 15.30 -5.86 -5.23
N LYS A 148 15.31 -6.96 -5.98
CA LYS A 148 15.28 -6.87 -7.43
C LYS A 148 13.96 -6.26 -7.89
N GLY A 149 12.86 -6.69 -7.27
CA GLY A 149 11.54 -6.18 -7.61
C GLY A 149 11.36 -4.71 -7.27
N THR A 150 12.03 -4.27 -6.21
CA THR A 150 11.93 -2.90 -5.75
C THR A 150 13.16 -2.08 -6.16
N GLN A 151 13.91 -2.62 -7.11
CA GLN A 151 15.09 -1.93 -7.63
C GLN A 151 15.87 -1.22 -6.52
N GLY A 152 16.37 -1.99 -5.56
CA GLY A 152 17.24 -1.47 -4.51
C GLY A 152 16.56 -0.64 -3.44
N LYS A 153 15.26 -0.41 -3.61
CA LYS A 153 14.52 0.44 -2.67
C LYS A 153 14.23 -0.27 -1.34
N ILE A 154 13.92 -1.56 -1.41
CA ILE A 154 13.62 -2.33 -0.20
C ILE A 154 14.61 -3.48 -0.01
N VAL A 155 15.53 -3.28 0.92
CA VAL A 155 16.57 -4.25 1.19
C VAL A 155 16.35 -4.91 2.55
N ASP A 156 16.76 -6.17 2.67
CA ASP A 156 16.62 -6.92 3.91
C ASP A 156 15.21 -6.79 4.52
N LEU A 157 14.19 -7.10 3.72
CA LEU A 157 12.82 -7.10 4.23
C LEU A 157 12.67 -8.10 5.37
N VAL A 158 13.54 -9.11 5.36
CA VAL A 158 13.51 -10.16 6.38
C VAL A 158 14.85 -10.23 7.11
N LYS A 159 14.85 -9.86 8.39
CA LYS A 159 16.08 -9.85 9.17
C LYS A 159 16.25 -11.14 9.97
N GLU A 160 15.13 -11.71 10.39
CA GLU A 160 15.15 -12.97 11.14
C GLU A 160 14.02 -13.87 10.66
N LEU A 161 14.40 -15.04 10.13
CA LEU A 161 13.43 -16.00 9.61
C LEU A 161 13.38 -17.25 10.50
N ASP A 162 12.18 -17.60 10.95
CA ASP A 162 11.99 -18.76 11.81
C ASP A 162 12.23 -20.08 11.06
N ARG A 163 13.02 -20.95 11.67
CA ARG A 163 13.45 -22.21 11.05
C ARG A 163 12.29 -23.16 10.72
N ASP A 164 11.19 -23.05 11.46
CA ASP A 164 10.03 -23.92 11.25
C ASP A 164 9.10 -23.43 10.14
N THR A 165 9.41 -22.27 9.58
CA THR A 165 8.58 -21.69 8.53
C THR A 165 8.27 -22.75 7.48
N VAL A 166 7.01 -22.84 7.09
CA VAL A 166 6.59 -23.80 6.07
C VAL A 166 6.55 -23.13 4.70
N PHE A 167 6.07 -21.89 4.68
CA PHE A 167 6.09 -21.10 3.44
C PHE A 167 6.04 -19.60 3.73
N ALA A 168 6.57 -18.81 2.81
CA ALA A 168 6.57 -17.36 2.94
C ALA A 168 5.98 -16.73 1.70
N LEU A 169 4.84 -16.07 1.86
CA LEU A 169 4.18 -15.38 0.75
C LEU A 169 4.72 -13.96 0.64
N VAL A 170 5.40 -13.67 -0.46
CA VAL A 170 6.07 -12.39 -0.62
C VAL A 170 5.56 -11.61 -1.85
N ASN A 171 5.16 -10.37 -1.62
CA ASN A 171 4.59 -9.53 -2.66
C ASN A 171 5.29 -8.17 -2.66
N TYR A 172 5.35 -7.52 -3.81
CA TYR A 172 6.00 -6.21 -3.89
C TYR A 172 5.37 -5.33 -4.96
N ILE A 173 5.46 -4.02 -4.76
CA ILE A 173 5.07 -3.06 -5.78
C ILE A 173 6.18 -2.03 -5.94
N PHE A 174 6.57 -1.78 -7.18
CA PHE A 174 7.54 -0.72 -7.45
C PHE A 174 6.92 0.40 -8.28
N PHE A 175 7.22 1.63 -7.90
CA PHE A 175 6.67 2.80 -8.56
C PHE A 175 7.76 3.85 -8.81
N LYS A 176 7.80 4.37 -10.02
CA LYS A 176 8.70 5.46 -10.35
C LYS A 176 8.04 6.37 -11.39
N GLY A 177 7.40 7.44 -10.92
CA GLY A 177 6.71 8.38 -11.80
C GLY A 177 7.31 9.77 -11.80
N LYS A 178 7.12 10.48 -12.90
CA LYS A 178 7.62 11.85 -13.05
C LYS A 178 6.47 12.85 -13.07
N TRP A 179 6.66 14.00 -12.44
CA TRP A 179 5.61 15.02 -12.42
C TRP A 179 5.26 15.48 -13.83
N GLU A 180 3.97 15.59 -14.12
CA GLU A 180 3.52 16.19 -15.36
C GLU A 180 4.16 17.56 -15.50
N ARG A 181 4.10 18.33 -14.41
CA ARG A 181 4.78 19.63 -14.33
C ARG A 181 5.63 19.68 -13.05
N PRO A 182 6.94 19.44 -13.20
CA PRO A 182 7.85 19.30 -12.07
C PRO A 182 8.29 20.63 -11.45
N PHE A 183 8.83 20.56 -10.25
CA PHE A 183 9.40 21.74 -9.59
C PHE A 183 10.83 21.96 -10.05
N GLU A 184 11.29 23.20 -9.97
CA GLU A 184 12.67 23.53 -10.30
C GLU A 184 13.49 23.54 -9.02
N VAL A 185 14.54 22.72 -8.98
CA VAL A 185 15.38 22.61 -7.79
C VAL A 185 15.74 23.97 -7.20
N LYS A 186 15.96 24.97 -8.06
CA LYS A 186 16.40 26.28 -7.59
C LYS A 186 15.35 26.99 -6.73
N ASP A 187 14.12 26.50 -6.76
CA ASP A 187 13.03 27.12 -6.00
C ASP A 187 12.83 26.44 -4.65
N THR A 188 13.55 25.36 -4.44
CA THR A 188 13.47 24.64 -3.18
C THR A 188 14.28 25.36 -2.10
N GLU A 189 13.58 25.94 -1.14
CA GLU A 189 14.21 26.62 -0.01
C GLU A 189 13.69 25.99 1.29
N GLU A 190 14.38 26.25 2.39
CA GLU A 190 14.00 25.70 3.68
C GLU A 190 12.83 26.49 4.26
N GLU A 191 11.80 25.79 4.74
CA GLU A 191 10.64 26.44 5.33
C GLU A 191 10.22 25.76 6.64
N ASP A 192 9.45 26.50 7.44
CA ASP A 192 8.91 25.96 8.67
C ASP A 192 7.81 24.94 8.38
N PHE A 193 7.88 23.80 9.06
CA PHE A 193 6.82 22.83 9.01
C PHE A 193 6.20 22.75 10.41
N HIS A 194 4.91 23.03 10.51
CA HIS A 194 4.24 23.05 11.81
C HIS A 194 3.78 21.66 12.23
N VAL A 195 4.56 21.03 13.11
CA VAL A 195 4.27 19.68 13.58
C VAL A 195 3.14 19.69 14.61
N ASP A 196 3.31 20.49 15.66
CA ASP A 196 2.27 20.66 16.67
C ASP A 196 2.36 22.06 17.27
N GLN A 197 1.56 22.34 18.29
CA GLN A 197 1.51 23.68 18.88
C GLN A 197 2.89 24.25 19.20
N VAL A 198 3.77 23.41 19.76
CA VAL A 198 5.07 23.89 20.22
C VAL A 198 6.23 23.31 19.42
N THR A 199 5.94 22.69 18.28
CA THR A 199 6.99 22.06 17.49
C THR A 199 6.98 22.52 16.04
N THR A 200 7.90 23.40 15.70
CA THR A 200 8.11 23.82 14.33
C THR A 200 9.48 23.35 13.86
N VAL A 201 9.56 22.86 12.63
CA VAL A 201 10.82 22.33 12.12
C VAL A 201 11.07 22.79 10.69
N LYS A 202 12.34 23.09 10.38
CA LYS A 202 12.72 23.49 9.03
C LYS A 202 12.88 22.27 8.14
N VAL A 203 12.22 22.29 6.98
CA VAL A 203 12.31 21.20 6.03
C VAL A 203 12.44 21.77 4.61
N PRO A 204 13.22 21.09 3.76
CA PRO A 204 13.32 21.52 2.37
C PRO A 204 11.95 21.51 1.71
N MET A 205 11.47 22.69 1.34
CA MET A 205 10.14 22.84 0.77
C MET A 205 10.21 23.23 -0.70
N MET A 206 9.70 22.36 -1.56
CA MET A 206 9.64 22.65 -3.00
C MET A 206 8.53 23.65 -3.27
N LYS A 207 8.65 24.39 -4.36
CA LYS A 207 7.55 25.28 -4.78
C LYS A 207 7.53 25.59 -6.27
N ARG A 208 6.33 25.74 -6.82
CA ARG A 208 6.13 26.11 -8.19
C ARG A 208 4.85 26.92 -8.34
N LEU A 209 4.91 27.97 -9.15
CA LEU A 209 3.73 28.76 -9.47
C LEU A 209 3.13 28.23 -10.76
N GLY A 210 1.88 27.78 -10.69
CA GLY A 210 1.22 27.24 -11.87
C GLY A 210 -0.25 26.91 -11.68
N MET A 211 -0.85 26.26 -12.68
CA MET A 211 -2.25 25.88 -12.63
C MET A 211 -2.41 24.51 -11.98
N PHE A 212 -3.20 24.46 -10.91
CA PHE A 212 -3.37 23.23 -10.15
C PHE A 212 -4.83 22.81 -10.04
N ASN A 213 -5.04 21.52 -9.81
CA ASN A 213 -6.37 21.00 -9.52
C ASN A 213 -6.60 21.05 -8.01
N ILE A 214 -7.20 22.14 -7.54
CA ILE A 214 -7.40 22.36 -6.12
C ILE A 214 -8.89 22.52 -5.78
N GLN A 215 -9.42 21.60 -4.99
CA GLN A 215 -10.83 21.60 -4.66
C GLN A 215 -11.02 21.59 -3.15
N HIS A 216 -12.08 22.26 -2.70
CA HIS A 216 -12.42 22.28 -1.28
C HIS A 216 -13.50 21.24 -0.98
N ALA A 217 -13.20 20.33 -0.07
CA ALA A 217 -14.12 19.27 0.30
C ALA A 217 -14.71 19.51 1.68
N LYS A 218 -15.77 20.31 1.74
CA LYS A 218 -16.44 20.60 3.01
C LYS A 218 -16.64 19.34 3.86
N LYS A 219 -17.10 18.27 3.23
CA LYS A 219 -17.36 17.02 3.94
C LYS A 219 -16.11 16.55 4.69
N LEU A 220 -14.94 17.01 4.25
CA LEU A 220 -13.68 16.63 4.88
C LEU A 220 -13.07 17.79 5.67
N SER A 221 -13.64 18.98 5.49
CA SER A 221 -13.05 20.18 6.06
C SER A 221 -11.59 20.22 5.69
N SER A 222 -11.30 19.84 4.44
CA SER A 222 -9.94 19.80 3.93
C SER A 222 -9.90 20.30 2.50
N TRP A 223 -8.72 20.72 2.06
CA TRP A 223 -8.53 21.06 0.66
C TRP A 223 -7.75 19.95 -0.01
N VAL A 224 -8.19 19.57 -1.21
CA VAL A 224 -7.62 18.44 -1.91
C VAL A 224 -6.80 18.93 -3.11
N LEU A 225 -5.55 18.49 -3.16
CA LEU A 225 -4.67 18.81 -4.29
C LEU A 225 -4.46 17.58 -5.15
N LEU A 226 -4.60 17.74 -6.46
CA LEU A 226 -4.34 16.67 -7.41
C LEU A 226 -3.05 16.89 -8.18
N MET A 227 -2.05 16.05 -7.93
CA MET A 227 -0.81 16.10 -8.68
C MET A 227 -0.80 15.01 -9.75
N LYS A 228 -0.59 15.41 -10.99
CA LYS A 228 -0.62 14.51 -12.12
C LYS A 228 0.78 14.03 -12.49
N TYR A 229 0.95 12.71 -12.56
CA TYR A 229 2.20 12.12 -13.02
C TYR A 229 2.17 11.94 -14.53
N LEU A 230 3.35 11.97 -15.17
CA LEU A 230 3.44 11.65 -16.58
C LEU A 230 3.07 10.19 -16.79
N GLY A 231 1.85 9.95 -17.24
CA GLY A 231 1.36 8.60 -17.42
C GLY A 231 0.10 8.33 -16.61
N ASN A 232 -0.13 7.06 -16.29
CA ASN A 232 -1.38 6.64 -15.66
C ASN A 232 -1.32 6.63 -14.13
N ALA A 233 -0.84 7.73 -13.55
CA ALA A 233 -0.75 7.85 -12.10
C ALA A 233 -1.16 9.25 -11.64
N THR A 234 -1.66 9.34 -10.42
CA THR A 234 -2.04 10.61 -9.83
C THR A 234 -1.87 10.53 -8.32
N ALA A 235 -1.40 11.63 -7.73
CA ALA A 235 -1.27 11.70 -6.28
C ALA A 235 -2.23 12.74 -5.71
N ILE A 236 -2.99 12.33 -4.69
CA ILE A 236 -3.95 13.23 -4.06
C ILE A 236 -3.45 13.64 -2.67
N PHE A 237 -3.34 14.93 -2.44
CA PHE A 237 -2.90 15.45 -1.15
C PHE A 237 -4.05 16.12 -0.41
N PHE A 238 -4.22 15.76 0.86
CA PHE A 238 -5.30 16.31 1.67
C PHE A 238 -4.75 17.23 2.75
N LEU A 239 -5.16 18.50 2.71
CA LEU A 239 -4.74 19.49 3.70
C LEU A 239 -5.91 19.85 4.59
N PRO A 240 -5.95 19.26 5.81
CA PRO A 240 -7.07 19.48 6.71
C PRO A 240 -7.05 20.87 7.36
N ASP A 241 -8.22 21.44 7.56
CA ASP A 241 -8.36 22.69 8.30
C ASP A 241 -7.79 22.52 9.70
N GLU A 242 -7.53 23.63 10.38
CA GLU A 242 -7.05 23.59 11.76
C GLU A 242 -7.87 22.60 12.59
N GLY A 243 -7.18 21.78 13.38
CA GLY A 243 -7.82 20.84 14.29
C GLY A 243 -8.76 19.83 13.64
N LYS A 244 -8.69 19.71 12.32
CA LYS A 244 -9.61 18.83 11.60
C LYS A 244 -8.93 17.59 11.01
N LEU A 245 -7.71 17.31 11.47
CA LEU A 245 -6.98 16.15 10.96
C LEU A 245 -7.75 14.85 11.17
N GLN A 246 -8.12 14.58 12.42
CA GLN A 246 -8.83 13.35 12.76
C GLN A 246 -10.15 13.25 12.00
N HIS A 247 -10.85 14.37 11.91
CA HIS A 247 -12.11 14.43 11.17
C HIS A 247 -11.91 13.98 9.73
N LEU A 248 -10.81 14.44 9.14
CA LEU A 248 -10.46 14.07 7.76
C LEU A 248 -10.22 12.57 7.64
N GLU A 249 -9.33 12.04 8.48
CA GLU A 249 -9.04 10.61 8.47
C GLU A 249 -10.32 9.81 8.67
N ASN A 250 -11.23 10.38 9.45
CA ASN A 250 -12.45 9.70 9.83
C ASN A 250 -13.49 9.70 8.72
N GLU A 251 -13.48 10.76 7.91
CA GLU A 251 -14.54 10.99 6.93
C GLU A 251 -14.21 10.52 5.52
N LEU A 252 -12.97 10.11 5.29
CA LEU A 252 -12.56 9.61 3.98
C LEU A 252 -13.40 8.43 3.53
N THR A 253 -13.83 8.46 2.27
CA THR A 253 -14.57 7.35 1.66
C THR A 253 -14.28 7.30 0.18
N HIS A 254 -14.65 6.20 -0.47
CA HIS A 254 -14.38 6.05 -1.89
C HIS A 254 -15.25 6.96 -2.74
N ASP A 255 -16.54 7.02 -2.42
CA ASP A 255 -17.45 7.92 -3.11
C ASP A 255 -16.91 9.34 -3.15
N ILE A 256 -16.55 9.87 -1.98
CA ILE A 256 -16.06 11.23 -1.88
C ILE A 256 -14.86 11.47 -2.80
N ILE A 257 -13.92 10.53 -2.80
CA ILE A 257 -12.75 10.61 -3.67
C ILE A 257 -13.17 10.58 -5.13
N THR A 258 -13.90 9.54 -5.51
CA THR A 258 -14.34 9.37 -6.89
C THR A 258 -14.95 10.66 -7.44
N LYS A 259 -15.68 11.37 -6.58
CA LYS A 259 -16.28 12.64 -6.99
C LYS A 259 -15.21 13.67 -7.34
N PHE A 260 -14.12 13.68 -6.58
CA PHE A 260 -13.02 14.61 -6.84
C PHE A 260 -12.49 14.48 -8.26
N LEU A 261 -11.76 13.40 -8.51
CA LEU A 261 -11.20 13.14 -9.83
C LEU A 261 -12.20 13.50 -10.93
N GLU A 262 -13.48 13.52 -10.58
CA GLU A 262 -14.53 13.83 -11.55
C GLU A 262 -14.54 15.32 -11.87
N ASN A 263 -13.87 16.11 -11.04
CA ASN A 263 -13.79 17.55 -11.24
C ASN A 263 -12.45 17.91 -11.89
N GLU A 264 -12.52 18.57 -13.05
CA GLU A 264 -11.33 18.88 -13.82
C GLU A 264 -10.93 20.36 -13.73
N ASP A 265 -11.69 21.13 -12.95
CA ASP A 265 -11.40 22.55 -12.78
C ASP A 265 -10.04 22.80 -12.15
N ARG A 266 -9.21 23.59 -12.85
CA ARG A 266 -7.91 23.98 -12.33
C ARG A 266 -7.94 25.45 -11.90
N ARG A 267 -7.00 25.84 -11.04
CA ARG A 267 -6.91 27.22 -10.60
C ARG A 267 -5.48 27.68 -10.43
N SER A 268 -5.27 28.98 -10.36
CA SER A 268 -3.94 29.55 -10.17
C SER A 268 -3.54 29.52 -8.70
N ALA A 269 -2.34 29.03 -8.41
CA ALA A 269 -1.85 28.96 -7.04
C ALA A 269 -0.34 28.82 -6.97
N SER A 270 0.23 29.19 -5.82
CA SER A 270 1.65 29.00 -5.56
C SER A 270 1.80 27.82 -4.60
N LEU A 271 2.12 26.65 -5.15
CA LEU A 271 2.17 25.43 -4.36
C LEU A 271 3.48 25.26 -3.60
N HIS A 272 3.36 25.00 -2.30
CA HIS A 272 4.51 24.64 -1.48
C HIS A 272 4.35 23.19 -1.03
N LEU A 273 5.20 22.32 -1.56
CA LEU A 273 5.16 20.90 -1.20
C LEU A 273 6.51 20.42 -0.69
N PRO A 274 6.51 19.79 0.49
CA PRO A 274 7.75 19.37 1.14
C PRO A 274 8.43 18.21 0.41
N LYS A 275 9.66 18.42 -0.02
CA LYS A 275 10.48 17.30 -0.43
C LYS A 275 10.42 16.35 0.75
N LEU A 276 10.38 15.05 0.49
CA LEU A 276 10.27 14.12 1.61
C LEU A 276 10.78 12.70 1.37
N SER A 277 11.08 12.03 2.46
CA SER A 277 11.60 10.68 2.44
C SER A 277 11.12 9.97 3.69
N ILE A 278 10.05 9.18 3.56
CA ILE A 278 9.49 8.50 4.72
C ILE A 278 9.37 6.99 4.49
N THR A 279 9.58 6.22 5.55
CA THR A 279 9.57 4.77 5.47
C THR A 279 8.62 4.18 6.51
N GLY A 280 7.74 3.28 6.06
CA GLY A 280 6.82 2.62 6.98
C GLY A 280 7.11 1.14 7.10
N THR A 281 7.28 0.68 8.34
CA THR A 281 7.54 -0.72 8.62
C THR A 281 6.61 -1.22 9.72
N TYR A 282 5.75 -2.18 9.39
CA TYR A 282 4.70 -2.62 10.30
C TYR A 282 4.59 -4.14 10.44
N ASP A 283 3.99 -4.56 11.55
CA ASP A 283 3.51 -5.93 11.71
C ASP A 283 1.99 -5.87 11.73
N LEU A 284 1.37 -6.30 10.63
CA LEU A 284 -0.06 -6.10 10.41
C LEU A 284 -0.97 -7.08 11.15
N LYS A 285 -0.37 -8.05 11.84
CA LYS A 285 -1.15 -9.07 12.54
C LYS A 285 -2.14 -8.45 13.50
N SER A 286 -1.77 -7.33 14.11
CA SER A 286 -2.61 -6.69 15.11
C SER A 286 -3.70 -5.85 14.47
N VAL A 287 -3.31 -4.99 13.54
CA VAL A 287 -4.28 -4.11 12.88
C VAL A 287 -5.26 -4.89 11.99
N LEU A 288 -4.79 -6.00 11.41
CA LEU A 288 -5.65 -6.85 10.61
C LEU A 288 -6.68 -7.55 11.50
N GLY A 289 -6.29 -7.85 12.73
CA GLY A 289 -7.20 -8.42 13.71
C GLY A 289 -8.36 -7.48 13.95
N GLN A 290 -8.04 -6.20 14.12
CA GLN A 290 -9.06 -5.18 14.34
C GLN A 290 -10.02 -5.08 13.16
N LEU A 291 -9.57 -5.56 12.00
CA LEU A 291 -10.39 -5.54 10.80
C LEU A 291 -11.28 -6.77 10.69
N GLY A 292 -10.99 -7.79 11.49
CA GLY A 292 -11.78 -9.00 11.51
C GLY A 292 -11.00 -10.24 11.09
N ILE A 293 -9.73 -10.05 10.76
CA ILE A 293 -8.87 -11.14 10.32
C ILE A 293 -8.05 -11.69 11.48
N THR A 294 -8.53 -12.78 12.08
CA THR A 294 -7.89 -13.32 13.28
C THR A 294 -7.62 -14.82 13.20
N LYS A 295 -8.57 -15.57 12.65
CA LYS A 295 -8.53 -17.02 12.66
C LYS A 295 -7.32 -17.58 11.90
N VAL A 296 -6.93 -16.90 10.83
CA VAL A 296 -5.80 -17.32 10.02
C VAL A 296 -4.49 -17.23 10.81
N PHE A 297 -4.52 -16.48 11.91
CA PHE A 297 -3.35 -16.36 12.77
C PHE A 297 -3.49 -17.25 14.01
N SER A 298 -4.61 -17.97 14.10
CA SER A 298 -4.92 -18.69 15.33
C SER A 298 -4.84 -20.22 15.22
N ASN A 299 -4.90 -20.88 16.37
CA ASN A 299 -4.83 -22.33 16.43
C ASN A 299 -6.05 -23.00 15.82
N GLY A 300 -6.98 -22.20 15.33
CA GLY A 300 -8.16 -22.71 14.64
C GLY A 300 -8.09 -22.41 13.15
N ALA A 301 -6.97 -21.84 12.73
CA ALA A 301 -6.77 -21.45 11.34
C ALA A 301 -6.93 -22.64 10.40
N ASP A 302 -7.59 -22.42 9.27
CA ASP A 302 -7.78 -23.47 8.28
C ASP A 302 -7.10 -23.12 6.96
N LEU A 303 -5.93 -23.69 6.74
CA LEU A 303 -5.20 -23.51 5.50
C LEU A 303 -5.11 -24.82 4.73
N SER A 304 -6.08 -25.70 4.93
CA SER A 304 -6.09 -27.00 4.29
C SER A 304 -6.12 -26.86 2.77
N GLY A 305 -6.50 -25.67 2.30
CA GLY A 305 -6.56 -25.41 0.87
C GLY A 305 -5.17 -25.28 0.26
N VAL A 306 -4.19 -25.02 1.11
CA VAL A 306 -2.81 -24.92 0.66
C VAL A 306 -2.11 -26.26 0.79
N THR A 307 -2.43 -26.98 1.86
CA THR A 307 -1.88 -28.32 2.09
C THR A 307 -2.83 -29.15 2.94
N GLU A 308 -3.03 -30.40 2.53
CA GLU A 308 -3.99 -31.28 3.19
C GLU A 308 -3.32 -32.20 4.20
N GLU A 309 -2.00 -32.15 4.31
CA GLU A 309 -1.26 -33.02 5.22
C GLU A 309 -1.22 -32.46 6.64
N ALA A 310 -0.51 -31.35 6.82
CA ALA A 310 -0.43 -30.70 8.12
C ALA A 310 -1.28 -29.43 8.16
N PRO A 311 -1.79 -29.08 9.34
CA PRO A 311 -2.54 -27.85 9.50
C PRO A 311 -1.59 -26.68 9.71
N LEU A 312 -1.65 -25.70 8.84
CA LEU A 312 -0.75 -24.56 8.93
C LEU A 312 -1.46 -23.32 9.46
N LYS A 313 -0.67 -22.29 9.76
CA LYS A 313 -1.22 -20.99 10.13
C LYS A 313 -0.21 -19.88 9.90
N LEU A 314 -0.72 -18.66 9.77
CA LEU A 314 0.14 -17.50 9.57
C LEU A 314 0.58 -16.98 10.93
N SER A 315 1.88 -16.75 11.09
CA SER A 315 2.40 -16.30 12.38
C SER A 315 2.79 -14.84 12.33
N LYS A 316 3.06 -14.36 11.13
CA LYS A 316 3.65 -13.03 10.95
C LYS A 316 3.18 -12.41 9.64
N ALA A 317 2.75 -11.15 9.72
CA ALA A 317 2.35 -10.42 8.54
C ALA A 317 3.19 -9.14 8.44
N VAL A 318 4.26 -9.20 7.67
CA VAL A 318 5.18 -8.07 7.56
C VAL A 318 4.90 -7.21 6.34
N HIS A 319 4.89 -5.90 6.55
CA HIS A 319 4.75 -4.97 5.46
C HIS A 319 5.79 -3.86 5.60
N LYS A 320 6.40 -3.50 4.48
CA LYS A 320 7.31 -2.37 4.45
C LYS A 320 7.14 -1.59 3.16
N ALA A 321 7.11 -0.27 3.28
CA ALA A 321 6.96 0.60 2.13
C ALA A 321 7.89 1.79 2.26
N VAL A 322 8.46 2.23 1.14
CA VAL A 322 9.35 3.38 1.14
C VAL A 322 8.91 4.41 0.11
N LEU A 323 8.89 5.67 0.52
CA LEU A 323 8.43 6.76 -0.34
C LEU A 323 9.49 7.84 -0.47
N THR A 324 9.76 8.23 -1.71
CA THR A 324 10.63 9.37 -1.97
C THR A 324 9.91 10.38 -2.87
N ILE A 325 9.86 11.62 -2.43
CA ILE A 325 9.22 12.68 -3.21
C ILE A 325 10.13 13.89 -3.37
N ASP A 326 10.39 14.27 -4.62
CA ASP A 326 11.27 15.39 -4.91
C ASP A 326 10.79 16.16 -6.14
N GLU A 327 11.65 17.03 -6.67
CA GLU A 327 11.27 17.90 -7.78
C GLU A 327 10.89 17.14 -9.04
N LYS A 328 11.59 16.04 -9.31
CA LYS A 328 11.39 15.29 -10.55
C LYS A 328 10.07 14.51 -10.55
N GLY A 329 9.69 14.00 -9.40
CA GLY A 329 8.47 13.19 -9.29
C GLY A 329 8.40 12.41 -8.00
N THR A 330 8.20 11.11 -8.11
CA THR A 330 8.01 10.26 -6.94
C THR A 330 8.48 8.83 -7.16
N GLU A 331 9.18 8.27 -6.19
CA GLU A 331 9.56 6.86 -6.20
C GLU A 331 9.03 6.20 -4.93
N ALA A 332 8.36 5.06 -5.10
CA ALA A 332 7.77 4.36 -3.97
C ALA A 332 7.87 2.86 -4.17
N ALA A 333 8.10 2.14 -3.08
CA ALA A 333 8.11 0.69 -3.10
C ALA A 333 7.34 0.12 -1.92
N GLY A 334 6.69 -1.01 -2.15
CA GLY A 334 5.96 -1.71 -1.10
C GLY A 334 6.17 -3.20 -1.23
N ALA A 335 6.24 -3.89 -0.09
CA ALA A 335 6.53 -5.32 -0.08
C ALA A 335 5.91 -6.02 1.12
N ASP A 336 5.34 -7.19 0.88
CA ASP A 336 4.67 -7.94 1.93
C ASP A 336 5.36 -9.26 2.20
N ASP A 337 5.50 -9.59 3.48
CA ASP A 337 6.07 -10.86 3.88
C ASP A 337 5.15 -11.57 4.87
N ASP A 338 4.40 -12.54 4.36
CA ASP A 338 3.49 -13.30 5.21
C ASP A 338 4.02 -14.71 5.37
N GLU A 339 4.31 -15.08 6.61
CA GLU A 339 4.94 -16.36 6.90
C GLU A 339 3.96 -17.34 7.55
N ALA A 340 4.02 -18.59 7.10
CA ALA A 340 3.15 -19.64 7.64
C ALA A 340 3.94 -20.68 8.40
N ILE A 341 3.40 -21.12 9.53
CA ILE A 341 4.04 -22.15 10.35
C ILE A 341 3.00 -23.20 10.75
N PRO A 342 3.46 -24.34 11.29
CA PRO A 342 2.51 -25.34 11.75
C PRO A 342 1.63 -24.71 12.81
N ARG A 343 0.32 -24.95 12.75
CA ARG A 343 -0.57 -24.32 13.70
C ARG A 343 -0.65 -25.08 15.02
N PRO B 3 -1.43 35.53 -6.63
CA PRO B 3 -1.87 34.13 -6.61
C PRO B 3 -1.65 33.50 -5.24
N PRO B 4 -2.70 32.86 -4.69
CA PRO B 4 -2.71 32.35 -3.32
C PRO B 4 -1.64 31.28 -3.09
N GLU B 5 -1.14 31.21 -1.87
CA GLU B 5 -0.15 30.21 -1.52
C GLU B 5 -0.79 29.02 -0.83
N VAL B 6 -0.78 27.87 -1.48
CA VAL B 6 -1.26 26.63 -0.89
C VAL B 6 -0.06 25.88 -0.33
N LYS B 7 0.00 25.75 0.99
CA LYS B 7 1.22 25.33 1.65
C LYS B 7 1.02 24.09 2.51
N PHE B 8 1.70 23.00 2.14
CA PHE B 8 1.67 21.79 2.95
C PHE B 8 2.77 21.83 4.00
N ASN B 9 2.56 22.67 5.00
CA ASN B 9 3.54 22.90 6.05
C ASN B 9 3.05 22.34 7.38
N LYS B 10 1.93 21.63 7.33
CA LYS B 10 1.39 20.97 8.51
C LYS B 10 1.02 19.53 8.17
N PRO B 11 0.89 18.68 9.19
CA PRO B 11 0.55 17.29 8.96
C PRO B 11 -0.57 17.16 7.93
N PHE B 12 -0.40 16.25 6.97
CA PHE B 12 -1.38 16.07 5.92
C PHE B 12 -1.42 14.61 5.47
N VAL B 13 -2.49 14.25 4.77
CA VAL B 13 -2.66 12.90 4.25
C VAL B 13 -2.59 12.91 2.74
N PHE B 14 -2.28 11.76 2.14
CA PHE B 14 -2.18 11.69 0.68
C PHE B 14 -2.39 10.29 0.12
N LEU B 15 -2.59 10.24 -1.20
CA LEU B 15 -2.87 8.99 -1.90
C LEU B 15 -2.20 8.98 -3.27
N MET B 16 -1.62 7.83 -3.62
CA MET B 16 -1.10 7.63 -4.96
C MET B 16 -2.03 6.67 -5.71
N ILE B 17 -2.60 7.16 -6.81
CA ILE B 17 -3.63 6.44 -7.53
C ILE B 17 -3.15 6.05 -8.92
N GLU B 18 -3.54 4.86 -9.35
CA GLU B 18 -3.27 4.42 -10.72
C GLU B 18 -4.44 4.87 -11.59
N GLN B 19 -4.13 5.58 -12.67
CA GLN B 19 -5.14 6.28 -13.47
C GLN B 19 -6.26 5.36 -13.99
N ASN B 20 -5.87 4.22 -14.53
CA ASN B 20 -6.84 3.32 -15.17
C ASN B 20 -7.76 2.62 -14.20
N THR B 21 -7.17 1.87 -13.27
CA THR B 21 -7.93 1.07 -12.32
C THR B 21 -8.50 1.92 -11.19
N LYS B 22 -7.86 3.06 -10.91
CA LYS B 22 -8.27 3.93 -9.81
C LYS B 22 -7.93 3.32 -8.45
N SER B 23 -7.05 2.33 -8.45
CA SER B 23 -6.69 1.63 -7.22
C SER B 23 -5.65 2.40 -6.40
N PRO B 24 -5.74 2.29 -5.07
CA PRO B 24 -4.85 2.96 -4.13
C PRO B 24 -3.50 2.27 -4.00
N LEU B 25 -2.56 2.61 -4.89
CA LEU B 25 -1.22 2.05 -4.84
C LEU B 25 -0.55 2.32 -3.49
N PHE B 26 -0.64 3.57 -3.04
CA PHE B 26 -0.04 3.97 -1.77
C PHE B 26 -0.90 4.98 -1.02
N MET B 27 -0.71 5.00 0.29
CA MET B 27 -1.36 5.98 1.15
C MET B 27 -0.45 6.23 2.33
N GLY B 28 -0.41 7.48 2.80
CA GLY B 28 0.43 7.81 3.94
C GLY B 28 0.00 9.07 4.65
N LYS B 29 0.59 9.30 5.82
CA LYS B 29 0.42 10.56 6.52
C LYS B 29 1.79 11.14 6.87
N VAL B 30 1.97 12.42 6.56
CA VAL B 30 3.17 13.13 6.96
C VAL B 30 2.85 14.00 8.17
N VAL B 31 3.46 13.67 9.31
CA VAL B 31 3.29 14.48 10.52
C VAL B 31 4.52 15.33 10.75
N ASN B 32 5.68 14.80 10.36
CA ASN B 32 6.95 15.50 10.51
C ASN B 32 7.96 14.98 9.50
N PRO B 33 8.25 15.78 8.47
CA PRO B 33 9.17 15.39 7.39
C PRO B 33 10.51 14.89 7.92
N THR B 34 11.08 15.60 8.88
CA THR B 34 12.39 15.24 9.43
C THR B 34 12.23 14.08 10.41
N GLN B 35 11.82 12.92 9.90
CA GLN B 35 11.44 11.82 10.77
C GLN B 35 11.41 10.50 9.99
N LYS B 36 11.19 10.59 8.69
CA LYS B 36 11.07 9.42 7.84
C LYS B 36 9.93 8.51 8.30
#